data_6ZFQ
#
_entry.id   6ZFQ
#
_cell.length_a   42.812
_cell.length_b   106.994
_cell.length_c   43.884
_cell.angle_alpha   90.000
_cell.angle_beta   110.315
_cell.angle_gamma   90.000
#
_symmetry.space_group_name_H-M   'P 1 21 1'
#
loop_
_entity.id
_entity.type
_entity.pdbx_description
1 polymer 'Glycoprotein endo-alpha-1,2-mannosidase'
2 non-polymer 2-[BIS-(2-HYDROXY-ETHYL)-AMINO]-2-HYDROXYMETHYL-PROPANE-1,3-DIOL
3 water water
#
_entity_poly.entity_id   1
_entity_poly.type   'polypeptide(L)'
_entity_poly.pdbx_seq_one_letter_code
;MNHKVHHHHHHIEGRHMPLNNYLHVFYYSWYGNPQFDGKYIHWNHPVLEHWDPRIAKNYPQGRHNPPDDIGSSFYPELGS
YSSRDPSVIETHMRQMRSASIGVLALSWYPPDVNDENGEPTDNLVPTILDKAHKYNLKVTFHIEPYSNRDDQNMYKNVKY
IIDKYGNHPAFYRYKTKTGNALPMFYVYDSYITKPEKWANLLTTSGSRSIRNSPYDGLFIALLVEEKHKYDILQSGFDGI
YTYFATNGFTYGSSHQNWASLKLFCDKYNLIFIPSVGPGYIDTSIRPWNTQNTRNRINGKYYEIGLSAALQTRPSLISIT
SFNEWHEGTQIEKAVPKRTSNTVYLDYRPHKPGLYLELTRKWSEKYSKERATYALDRQLPVS
;
_entity_poly.pdbx_strand_id   AAA
#
loop_
_chem_comp.id
_chem_comp.type
_chem_comp.name
_chem_comp.formula
BTB non-polymer 2-[BIS-(2-HYDROXY-ETHYL)-AMINO]-2-HYDROXYMETHYL-PROPANE-1,3-DIOL 'C8 H19 N O5'
#
# COMPACT_ATOMS: atom_id res chain seq x y z
N PRO A 18 -5.18 -5.86 -20.59
CA PRO A 18 -4.66 -4.48 -20.44
C PRO A 18 -4.52 -4.20 -18.93
N LEU A 19 -3.61 -3.31 -18.51
CA LEU A 19 -3.43 -2.97 -17.07
C LEU A 19 -4.44 -1.90 -16.72
N ASN A 20 -4.95 -2.01 -15.50
CA ASN A 20 -5.74 -0.93 -14.92
C ASN A 20 -4.78 0.10 -14.31
N ASN A 21 -4.67 1.26 -14.95
CA ASN A 21 -3.83 2.41 -14.55
C ASN A 21 -4.34 3.01 -13.20
N TYR A 22 -5.56 2.67 -12.76
CA TYR A 22 -6.26 3.33 -11.61
C TYR A 22 -6.39 2.39 -10.42
N LEU A 23 -5.65 1.27 -10.48
CA LEU A 23 -5.65 0.26 -9.40
C LEU A 23 -4.23 0.14 -8.87
N HIS A 24 -4.10 0.43 -7.59
CA HIS A 24 -2.79 0.51 -6.90
C HIS A 24 -2.72 -0.62 -5.87
N VAL A 25 -1.52 -1.15 -5.67
CA VAL A 25 -1.35 -2.17 -4.62
C VAL A 25 -0.18 -1.74 -3.72
N PHE A 26 -0.34 -1.91 -2.40
CA PHE A 26 0.75 -1.61 -1.45
C PHE A 26 1.79 -2.72 -1.47
N TYR A 27 3.04 -2.34 -1.81
CA TYR A 27 4.20 -3.25 -2.02
C TYR A 27 5.29 -2.95 -0.99
N TYR A 28 5.92 -4.01 -0.57
CA TYR A 28 6.96 -3.97 0.47
C TYR A 28 8.26 -4.57 -0.08
N SER A 29 9.39 -3.91 0.13
CA SER A 29 10.70 -4.38 -0.33
C SER A 29 11.63 -4.64 0.88
N TRP A 30 11.05 -4.97 2.03
CA TRP A 30 11.81 -5.02 3.28
C TRP A 30 12.29 -6.45 3.69
N TYR A 31 12.06 -7.48 2.88
CA TYR A 31 12.41 -8.86 3.23
C TYR A 31 13.85 -9.17 2.84
N GLY A 32 14.52 -9.91 3.74
CA GLY A 32 15.90 -10.33 3.50
C GLY A 32 16.16 -11.74 3.93
N ASN A 33 17.19 -12.37 3.34
CA ASN A 33 17.56 -13.72 3.77
C ASN A 33 19.06 -13.87 3.70
N PRO A 34 19.60 -14.97 4.29
CA PRO A 34 21.05 -15.10 4.30
C PRO A 34 21.70 -15.14 2.91
N GLN A 35 21.05 -15.78 1.93
CA GLN A 35 21.67 -15.92 0.60
C GLN A 35 21.96 -14.54 0.01
N PHE A 36 20.98 -13.62 0.07
CA PHE A 36 21.04 -12.33 -0.64
C PHE A 36 21.46 -11.18 0.22
N ASP A 37 21.33 -11.30 1.54
CA ASP A 37 21.46 -10.12 2.46
C ASP A 37 22.40 -10.43 3.61
N GLY A 38 22.77 -11.69 3.78
CA GLY A 38 23.69 -12.13 4.85
C GLY A 38 23.00 -12.46 6.15
N LYS A 39 21.71 -12.22 6.27
CA LYS A 39 20.88 -12.52 7.43
C LYS A 39 19.42 -12.45 7.00
N TYR A 40 18.52 -12.97 7.82
CA TYR A 40 17.09 -12.71 7.73
C TYR A 40 16.80 -11.27 8.11
N ILE A 41 15.86 -10.71 7.35
CA ILE A 41 15.28 -9.39 7.60
C ILE A 41 13.80 -9.50 7.42
N HIS A 42 13.05 -9.01 8.39
CA HIS A 42 11.58 -9.03 8.44
C HIS A 42 10.99 -10.41 8.68
N TRP A 43 11.49 -11.47 8.06
CA TRP A 43 10.93 -12.81 8.30
C TRP A 43 11.12 -13.21 9.75
N ASN A 44 12.24 -12.75 10.32
CA ASN A 44 12.56 -12.94 11.75
C ASN A 44 11.96 -11.82 12.58
N HIS A 45 10.73 -11.47 12.30
CA HIS A 45 10.04 -10.33 12.90
C HIS A 45 9.91 -10.58 14.39
N PRO A 46 10.14 -9.57 15.27
CA PRO A 46 9.86 -9.68 16.70
C PRO A 46 8.37 -9.95 16.91
N VAL A 47 8.07 -10.56 18.05
CA VAL A 47 6.67 -10.66 18.53
C VAL A 47 6.47 -9.39 19.36
N LEU A 48 5.54 -8.53 18.94
CA LEU A 48 5.26 -7.25 19.60
C LEU A 48 4.50 -7.50 20.89
N GLU A 49 4.70 -6.62 21.85
CA GLU A 49 4.04 -6.74 23.17
C GLU A 49 2.84 -5.81 23.29
N HIS A 50 2.78 -4.75 22.51
CA HIS A 50 1.68 -3.78 22.61
C HIS A 50 1.64 -2.93 21.34
N TRP A 51 0.65 -2.03 21.25
CA TRP A 51 0.58 -1.13 20.08
C TRP A 51 1.73 -0.11 20.11
N GLY A 62 12.40 -13.43 21.45
CA GLY A 62 10.99 -13.27 21.07
C GLY A 62 10.89 -12.80 19.64
N ARG A 63 11.60 -13.50 18.74
CA ARG A 63 11.68 -13.24 17.29
C ARG A 63 11.50 -14.59 16.62
N HIS A 64 10.90 -14.58 15.47
CA HIS A 64 10.71 -15.83 14.67
C HIS A 64 12.05 -16.30 14.15
N ASN A 65 12.14 -17.61 13.86
CA ASN A 65 13.36 -18.32 13.41
C ASN A 65 13.16 -18.94 12.02
N PRO A 66 13.40 -18.13 10.96
CA PRO A 66 13.23 -18.60 9.58
C PRO A 66 14.30 -19.62 9.24
N PRO A 67 14.09 -20.48 8.20
CA PRO A 67 12.93 -20.42 7.32
C PRO A 67 11.65 -21.18 7.74
N ASP A 68 11.77 -22.08 8.71
CA ASP A 68 10.60 -22.90 9.08
C ASP A 68 9.58 -22.06 9.86
N ASP A 69 10.05 -21.10 10.64
CA ASP A 69 9.22 -20.28 11.52
C ASP A 69 9.39 -18.84 11.09
N ILE A 70 8.46 -18.33 10.28
CA ILE A 70 8.50 -16.93 9.87
C ILE A 70 7.42 -16.14 10.60
N GLY A 71 7.58 -14.82 10.55
CA GLY A 71 6.60 -13.88 11.10
C GLY A 71 5.44 -13.67 10.09
N SER A 72 4.75 -14.74 9.78
CA SER A 72 3.50 -14.67 9.01
C SER A 72 2.60 -15.82 9.43
N SER A 73 1.30 -15.68 9.26
CA SER A 73 0.31 -16.74 9.40
C SER A 73 0.24 -17.60 8.13
N PHE A 74 0.77 -17.12 7.00
CA PHE A 74 0.82 -17.82 5.71
C PHE A 74 2.29 -18.04 5.33
N TYR A 75 2.51 -18.78 4.25
CA TYR A 75 3.86 -19.07 3.78
C TYR A 75 3.96 -18.75 2.29
N PRO A 76 4.92 -17.94 1.86
CA PRO A 76 5.03 -17.60 0.45
C PRO A 76 5.45 -18.79 -0.42
N GLU A 77 4.91 -18.79 -1.66
CA GLU A 77 5.36 -19.73 -2.69
C GLU A 77 6.87 -19.52 -2.94
N LEU A 78 7.36 -18.28 -2.83
CA LEU A 78 8.80 -17.97 -3.01
C LEU A 78 9.62 -18.25 -1.75
N GLY A 79 8.99 -18.75 -0.70
CA GLY A 79 9.72 -19.03 0.55
C GLY A 79 10.02 -17.76 1.34
N SER A 80 10.95 -17.88 2.28
CA SER A 80 11.48 -16.74 3.06
C SER A 80 12.42 -15.95 2.15
N TYR A 81 11.82 -15.20 1.21
CA TYR A 81 12.53 -14.68 0.04
C TYR A 81 13.20 -13.35 0.38
N SER A 82 14.13 -12.96 -0.48
CA SER A 82 14.81 -11.67 -0.38
C SER A 82 14.19 -10.70 -1.37
N SER A 83 13.83 -9.51 -0.88
CA SER A 83 13.34 -8.39 -1.67
C SER A 83 14.39 -7.90 -2.68
N ARG A 84 15.67 -8.20 -2.51
CA ARG A 84 16.73 -7.72 -3.43
C ARG A 84 17.03 -8.79 -4.48
N ASP A 85 16.48 -9.99 -4.31
CA ASP A 85 16.70 -11.07 -5.29
C ASP A 85 16.02 -10.69 -6.60
N PRO A 86 16.74 -10.45 -7.70
CA PRO A 86 16.08 -9.96 -8.92
C PRO A 86 15.00 -10.93 -9.43
N SER A 87 15.16 -12.24 -9.19
CA SER A 87 14.16 -13.23 -9.63
C SER A 87 12.87 -13.05 -8.81
N VAL A 88 12.99 -12.66 -7.55
CA VAL A 88 11.80 -12.38 -6.73
C VAL A 88 11.08 -11.15 -7.33
N ILE A 89 11.82 -10.08 -7.58
CA ILE A 89 11.19 -8.83 -8.04
C ILE A 89 10.53 -9.08 -9.40
N GLU A 90 11.17 -9.86 -10.26
CA GLU A 90 10.63 -10.24 -11.56
C GLU A 90 9.29 -10.97 -11.40
N THR A 91 9.27 -12.01 -10.55
CA THR A 91 8.06 -12.81 -10.28
C THR A 91 6.97 -11.86 -9.73
N HIS A 92 7.32 -10.97 -8.80
CA HIS A 92 6.31 -10.06 -8.22
C HIS A 92 5.67 -9.20 -9.35
N MET A 93 6.49 -8.65 -10.26
CA MET A 93 5.94 -7.77 -11.33
C MET A 93 5.04 -8.62 -12.23
N ARG A 94 5.42 -9.86 -12.51
CA ARG A 94 4.61 -10.74 -13.36
CA ARG A 94 4.62 -10.75 -13.35
C ARG A 94 3.25 -10.98 -12.67
N GLN A 95 3.26 -11.24 -11.37
CA GLN A 95 2.03 -11.52 -10.59
C GLN A 95 1.13 -10.28 -10.64
N MET A 96 1.71 -9.12 -10.41
CA MET A 96 0.90 -7.89 -10.41
C MET A 96 0.32 -7.63 -11.82
N ARG A 97 1.06 -7.86 -12.90
CA ARG A 97 0.52 -7.74 -14.27
C ARG A 97 -0.62 -8.76 -14.43
N SER A 98 -0.46 -9.98 -13.93
CA SER A 98 -1.49 -11.06 -14.07
C SER A 98 -2.79 -10.66 -13.34
N ALA A 99 -2.67 -9.80 -12.33
CA ALA A 99 -3.82 -9.30 -11.56
C ALA A 99 -4.41 -8.03 -12.21
N SER A 100 -3.83 -7.57 -13.32
N SER A 100 -3.84 -7.57 -13.32
CA SER A 100 -4.20 -6.32 -14.01
CA SER A 100 -4.19 -6.30 -14.01
C SER A 100 -4.10 -5.14 -13.03
C SER A 100 -4.06 -5.11 -13.06
N ILE A 101 -3.08 -5.16 -12.16
CA ILE A 101 -2.76 -4.00 -11.27
C ILE A 101 -1.73 -3.15 -11.99
N GLY A 102 -2.06 -1.88 -12.20
CA GLY A 102 -1.19 -1.01 -13.00
C GLY A 102 -0.12 -0.33 -12.19
N VAL A 103 -0.26 -0.22 -10.86
CA VAL A 103 0.60 0.66 -10.07
C VAL A 103 0.93 0.01 -8.73
N LEU A 104 2.22 -0.02 -8.44
CA LEU A 104 2.60 -0.41 -7.07
C LEU A 104 2.94 0.83 -6.23
N ALA A 105 2.35 0.87 -5.04
CA ALA A 105 2.58 1.94 -4.10
C ALA A 105 3.64 1.41 -3.10
N LEU A 106 4.88 1.77 -3.34
CA LEU A 106 6.07 1.23 -2.67
C LEU A 106 6.25 1.83 -1.29
N SER A 107 6.24 0.99 -0.26
CA SER A 107 6.60 1.39 1.10
C SER A 107 7.97 2.04 1.01
N TRP A 108 8.09 3.27 1.51
CA TRP A 108 9.35 4.04 1.41
C TRP A 108 9.71 4.69 2.76
N TYR A 109 10.96 4.46 3.15
CA TYR A 109 11.65 5.19 4.21
C TYR A 109 12.81 5.91 3.59
N PRO A 110 13.11 7.12 4.06
CA PRO A 110 14.31 7.81 3.65
C PRO A 110 15.52 7.02 4.11
N PRO A 111 16.62 7.04 3.35
CA PRO A 111 17.77 6.21 3.68
C PRO A 111 18.45 6.61 5.00
N ASP A 112 18.38 7.90 5.35
CA ASP A 112 19.14 8.41 6.50
C ASP A 112 18.55 8.01 7.85
N VAL A 113 17.33 7.49 7.88
CA VAL A 113 16.74 7.11 9.19
C VAL A 113 17.33 5.79 9.67
N ASN A 114 17.14 5.49 10.95
CA ASN A 114 17.67 4.23 11.53
C ASN A 114 16.47 3.31 11.76
N ASP A 115 15.44 3.48 10.94
CA ASP A 115 14.20 2.67 10.97
C ASP A 115 14.46 1.27 10.41
N GLU A 116 15.46 1.06 9.53
CA GLU A 116 15.65 -0.24 8.84
C GLU A 116 16.82 -1.08 9.39
N ASN A 117 16.64 -2.40 9.41
CA ASN A 117 17.55 -3.38 10.07
C ASN A 117 18.69 -3.77 9.11
N GLY A 118 18.50 -3.61 7.81
CA GLY A 118 19.60 -3.73 6.83
C GLY A 118 20.00 -2.39 6.22
N GLU A 119 20.71 -2.49 5.09
CA GLU A 119 21.00 -1.63 3.93
C GLU A 119 19.71 -0.89 3.60
N PRO A 120 19.76 0.38 3.22
CA PRO A 120 18.52 1.12 3.04
C PRO A 120 17.67 0.56 1.90
N THR A 121 16.38 0.45 2.13
CA THR A 121 15.48 -0.07 1.08
C THR A 121 15.39 0.96 -0.03
N ASP A 122 15.67 2.22 0.20
CA ASP A 122 15.70 3.19 -0.91
C ASP A 122 16.70 2.75 -1.98
N ASN A 123 17.73 2.00 -1.65
CA ASN A 123 18.71 1.54 -2.67
C ASN A 123 18.14 0.45 -3.57
N LEU A 124 16.93 -0.03 -3.32
CA LEU A 124 16.28 -0.98 -4.27
C LEU A 124 15.32 -0.30 -5.23
N VAL A 125 15.06 0.98 -5.03
CA VAL A 125 14.05 1.67 -5.84
C VAL A 125 14.46 1.68 -7.30
N PRO A 126 15.72 1.92 -7.68
CA PRO A 126 16.03 1.85 -9.10
C PRO A 126 15.74 0.49 -9.76
N THR A 127 16.09 -0.61 -9.11
CA THR A 127 15.83 -1.96 -9.64
C THR A 127 14.33 -2.17 -9.77
N ILE A 128 13.60 -1.81 -8.73
CA ILE A 128 12.13 -1.97 -8.76
C ILE A 128 11.57 -1.19 -9.96
N LEU A 129 11.99 0.06 -10.17
CA LEU A 129 11.47 0.86 -11.30
C LEU A 129 11.80 0.15 -12.63
N ASP A 130 13.02 -0.35 -12.79
CA ASP A 130 13.38 -1.02 -14.03
C ASP A 130 12.51 -2.27 -14.20
N LYS A 131 12.33 -3.04 -13.17
CA LYS A 131 11.57 -4.31 -13.27
C LYS A 131 10.07 -4.02 -13.53
N ALA A 132 9.52 -3.01 -12.89
CA ALA A 132 8.14 -2.58 -13.12
C ALA A 132 7.99 -2.21 -14.61
N HIS A 133 8.93 -1.45 -15.13
CA HIS A 133 8.86 -1.00 -16.54
C HIS A 133 8.86 -2.16 -17.58
N LYS A 134 9.57 -3.26 -17.28
CA LYS A 134 9.57 -4.44 -18.16
C LYS A 134 8.13 -4.85 -18.47
N TYR A 135 7.25 -4.77 -17.47
CA TYR A 135 5.83 -5.19 -17.52
C TYR A 135 4.86 -4.01 -17.61
N ASN A 136 5.36 -2.81 -17.88
CA ASN A 136 4.54 -1.60 -18.11
C ASN A 136 3.79 -1.21 -16.83
N LEU A 137 4.29 -1.59 -15.69
CA LEU A 137 3.75 -1.15 -14.38
C LEU A 137 4.37 0.20 -14.02
N LYS A 138 3.67 0.91 -13.13
CA LYS A 138 4.14 2.19 -12.57
CA LYS A 138 4.15 2.19 -12.57
C LYS A 138 4.40 2.04 -11.08
N VAL A 139 5.27 2.93 -10.58
CA VAL A 139 5.65 2.96 -9.15
C VAL A 139 5.30 4.31 -8.56
N THR A 140 4.52 4.29 -7.46
CA THR A 140 4.30 5.48 -6.66
C THR A 140 4.79 5.16 -5.24
N PHE A 141 4.71 6.16 -4.38
CA PHE A 141 5.42 6.16 -3.08
C PHE A 141 4.44 6.22 -1.90
N HIS A 142 4.61 5.30 -0.99
CA HIS A 142 3.89 5.21 0.30
C HIS A 142 4.87 5.61 1.40
N ILE A 143 4.75 6.85 1.81
CA ILE A 143 5.73 7.41 2.76
C ILE A 143 5.39 6.93 4.15
N GLU A 144 6.29 6.12 4.69
CA GLU A 144 6.13 5.53 6.02
C GLU A 144 6.32 6.58 7.08
N PRO A 145 5.88 6.29 8.34
CA PRO A 145 6.06 7.17 9.49
C PRO A 145 7.48 7.08 10.06
N TYR A 146 8.46 7.59 9.31
CA TYR A 146 9.89 7.53 9.66
C TYR A 146 10.14 8.40 10.89
N SER A 147 11.21 8.08 11.59
CA SER A 147 11.65 8.82 12.80
C SER A 147 11.63 10.33 12.52
N ASN A 148 10.90 11.07 13.36
CA ASN A 148 10.87 12.54 13.38
C ASN A 148 10.45 13.12 12.02
N ARG A 149 9.64 12.39 11.26
CA ARG A 149 9.04 12.95 10.04
C ARG A 149 8.30 14.25 10.40
N ASP A 150 8.50 15.27 9.60
CA ASP A 150 7.82 16.56 9.77
C ASP A 150 7.70 17.24 8.43
N ASP A 151 7.23 18.47 8.42
CA ASP A 151 7.06 19.22 7.16
C ASP A 151 8.40 19.51 6.50
N GLN A 152 9.43 19.77 7.27
CA GLN A 152 10.75 20.18 6.74
C GLN A 152 11.41 18.98 6.06
N ASN A 153 11.49 17.84 6.71
CA ASN A 153 12.16 16.67 6.08
C ASN A 153 11.24 16.07 5.01
N MET A 154 9.93 16.30 5.09
CA MET A 154 9.05 15.88 3.99
C MET A 154 9.36 16.71 2.73
N TYR A 155 9.58 18.02 2.84
CA TYR A 155 9.98 18.81 1.65
C TYR A 155 11.23 18.17 1.04
N LYS A 156 12.26 17.93 1.87
CA LYS A 156 13.53 17.35 1.42
C LYS A 156 13.28 16.01 0.70
N ASN A 157 12.49 15.14 1.31
CA ASN A 157 12.28 13.81 0.76
C ASN A 157 11.38 13.81 -0.48
N VAL A 158 10.40 14.69 -0.56
CA VAL A 158 9.61 14.84 -1.79
C VAL A 158 10.54 15.27 -2.92
N LYS A 159 11.36 16.26 -2.66
CA LYS A 159 12.37 16.75 -3.65
C LYS A 159 13.30 15.62 -4.07
N TYR A 160 13.76 14.85 -3.10
CA TYR A 160 14.68 13.72 -3.38
C TYR A 160 14.05 12.68 -4.30
N ILE A 161 12.83 12.28 -3.98
CA ILE A 161 12.12 11.25 -4.75
C ILE A 161 11.89 11.77 -6.16
N ILE A 162 11.45 13.01 -6.31
CA ILE A 162 11.16 13.49 -7.69
C ILE A 162 12.47 13.69 -8.44
N ASP A 163 13.49 14.24 -7.81
CA ASP A 163 14.78 14.45 -8.51
C ASP A 163 15.39 13.08 -8.90
N LYS A 164 15.42 12.10 -8.02
CA LYS A 164 16.13 10.83 -8.30
C LYS A 164 15.33 9.91 -9.19
N TYR A 165 14.01 9.86 -9.00
CA TYR A 165 13.14 8.86 -9.66
C TYR A 165 12.20 9.47 -10.71
N GLY A 166 11.93 10.77 -10.62
CA GLY A 166 10.86 11.41 -11.39
C GLY A 166 11.00 11.31 -12.90
N ASN A 167 12.19 11.06 -13.45
CA ASN A 167 12.36 10.99 -14.92
C ASN A 167 12.31 9.51 -15.36
N HIS A 168 12.23 8.58 -14.40
CA HIS A 168 12.17 7.16 -14.81
C HIS A 168 10.87 6.91 -15.54
N PRO A 169 10.88 6.16 -16.66
CA PRO A 169 9.62 5.87 -17.37
C PRO A 169 8.51 5.12 -16.61
N ALA A 170 8.90 4.48 -15.50
CA ALA A 170 7.93 3.74 -14.66
C ALA A 170 7.46 4.60 -13.50
N PHE A 171 7.90 5.83 -13.41
CA PHE A 171 7.52 6.72 -12.31
C PHE A 171 6.05 7.12 -12.51
N TYR A 172 5.21 6.90 -11.51
CA TYR A 172 3.76 7.17 -11.61
C TYR A 172 3.41 8.65 -11.49
N ARG A 173 2.59 9.13 -12.41
CA ARG A 173 1.86 10.38 -12.25
C ARG A 173 0.37 10.16 -12.56
N TYR A 174 -0.46 10.85 -11.81
CA TYR A 174 -1.94 10.82 -11.93
C TYR A 174 -2.38 12.11 -12.60
N LYS A 175 -3.16 11.97 -13.68
CA LYS A 175 -3.67 13.10 -14.48
C LYS A 175 -4.88 13.66 -13.75
N THR A 176 -4.73 14.87 -13.23
CA THR A 176 -5.77 15.58 -12.45
C THR A 176 -6.89 16.08 -13.38
N LYS A 177 -8.00 16.49 -12.77
CA LYS A 177 -9.19 17.10 -13.43
C LYS A 177 -8.75 18.19 -14.41
N THR A 178 -7.76 19.01 -14.03
CA THR A 178 -7.27 20.16 -14.84
C THR A 178 -6.32 19.68 -15.97
N GLY A 179 -6.02 18.39 -16.09
CA GLY A 179 -5.18 17.83 -17.17
C GLY A 179 -3.72 17.63 -16.75
N ASN A 180 -3.30 18.28 -15.65
CA ASN A 180 -1.92 18.29 -15.10
C ASN A 180 -1.60 16.92 -14.50
N ALA A 181 -0.48 16.30 -14.89
CA ALA A 181 -0.08 15.00 -14.31
C ALA A 181 0.89 15.24 -13.14
N LEU A 182 0.57 14.72 -11.96
CA LEU A 182 1.41 14.95 -10.75
C LEU A 182 1.81 13.62 -10.10
N PRO A 183 3.02 13.60 -9.56
CA PRO A 183 3.42 12.56 -8.59
C PRO A 183 2.38 12.39 -7.49
N MET A 184 2.29 11.18 -6.97
CA MET A 184 1.39 10.88 -5.82
C MET A 184 2.23 10.42 -4.64
N PHE A 185 1.84 10.86 -3.44
CA PHE A 185 2.47 10.43 -2.18
C PHE A 185 1.35 10.03 -1.22
N TYR A 186 1.32 8.74 -0.88
CA TYR A 186 0.48 8.29 0.25
C TYR A 186 1.26 8.54 1.56
N VAL A 187 0.64 9.22 2.50
CA VAL A 187 1.34 9.56 3.80
C VAL A 187 0.72 8.74 4.92
N TYR A 188 1.41 7.65 5.29
CA TYR A 188 0.88 6.76 6.32
C TYR A 188 0.97 7.46 7.69
N ASP A 189 -0.12 7.39 8.48
CA ASP A 189 -0.20 8.00 9.84
C ASP A 189 0.10 9.49 9.70
N SER A 190 -0.37 10.11 8.59
CA SER A 190 -0.21 11.55 8.35
C SER A 190 -0.61 12.37 9.60
N TYR A 191 -1.64 11.92 10.28
CA TYR A 191 -2.20 12.70 11.42
CA TYR A 191 -2.22 12.63 11.47
C TYR A 191 -1.20 12.92 12.59
N ILE A 192 -0.07 12.22 12.62
CA ILE A 192 0.97 12.40 13.69
C ILE A 192 1.44 13.84 13.59
N THR A 193 1.50 14.38 12.38
CA THR A 193 1.93 15.77 12.14
C THR A 193 0.68 16.66 12.17
N LYS A 194 0.76 17.78 12.90
CA LYS A 194 -0.41 18.66 13.08
C LYS A 194 -0.71 19.41 11.80
N PRO A 195 -1.98 19.80 11.57
CA PRO A 195 -2.38 20.49 10.34
C PRO A 195 -1.57 21.73 10.02
N GLU A 196 -1.27 22.52 11.04
CA GLU A 196 -0.51 23.78 10.87
C GLU A 196 0.87 23.46 10.28
N LYS A 197 1.47 22.36 10.70
CA LYS A 197 2.78 21.97 10.15
C LYS A 197 2.62 21.48 8.71
N TRP A 198 1.62 20.64 8.41
CA TRP A 198 1.34 20.22 7.02
C TRP A 198 1.10 21.43 6.14
N ALA A 199 0.45 22.46 6.67
CA ALA A 199 0.10 23.62 5.84
C ALA A 199 1.37 24.34 5.38
N ASN A 200 2.45 24.25 6.13
CA ASN A 200 3.75 24.83 5.71
C ASN A 200 4.19 24.25 4.36
N LEU A 201 3.86 22.98 4.12
CA LEU A 201 4.28 22.25 2.91
C LEU A 201 3.18 22.23 1.87
N LEU A 202 1.93 22.15 2.31
CA LEU A 202 0.84 21.73 1.39
C LEU A 202 -0.10 22.89 1.05
N THR A 203 0.09 24.09 1.60
CA THR A 203 -0.75 25.25 1.20
C THR A 203 0.12 26.24 0.46
N THR A 204 -0.57 27.10 -0.27
CA THR A 204 0.02 28.01 -1.26
C THR A 204 1.12 28.86 -0.65
N SER A 205 0.88 29.46 0.52
CA SER A 205 1.76 30.50 1.11
C SER A 205 2.49 29.91 2.31
N GLY A 206 2.50 28.59 2.45
CA GLY A 206 3.32 27.93 3.49
C GLY A 206 4.81 28.22 3.28
N SER A 207 5.58 28.23 4.39
CA SER A 207 7.02 28.59 4.43
C SER A 207 7.85 27.62 3.61
N ARG A 208 7.34 26.42 3.32
CA ARG A 208 8.11 25.47 2.51
C ARG A 208 7.17 24.81 1.52
N SER A 209 6.37 25.64 0.85
CA SER A 209 5.26 25.12 0.02
C SER A 209 5.82 24.34 -1.18
N ILE A 210 5.22 23.19 -1.50
CA ILE A 210 5.54 22.53 -2.80
C ILE A 210 4.52 22.96 -3.85
N ARG A 211 3.56 23.79 -3.49
CA ARG A 211 2.46 24.12 -4.44
C ARG A 211 3.05 25.04 -5.51
N ASN A 212 2.78 24.73 -6.78
CA ASN A 212 3.17 25.52 -7.97
C ASN A 212 4.69 25.44 -8.14
N SER A 213 5.30 24.40 -7.65
CA SER A 213 6.76 24.21 -7.69
C SER A 213 7.04 23.00 -8.54
N PRO A 214 8.29 22.73 -8.93
CA PRO A 214 8.60 21.49 -9.64
C PRO A 214 8.37 20.24 -8.75
N TYR A 215 8.13 20.44 -7.44
CA TYR A 215 8.02 19.32 -6.48
C TYR A 215 6.56 19.16 -6.02
N ASP A 216 5.62 19.77 -6.75
CA ASP A 216 4.19 19.63 -6.43
C ASP A 216 3.82 18.15 -6.57
N GLY A 217 2.76 17.79 -5.87
CA GLY A 217 2.28 16.41 -5.89
C GLY A 217 0.85 16.33 -5.41
N LEU A 218 0.31 15.13 -5.46
CA LEU A 218 -0.98 14.78 -4.84
C LEU A 218 -0.70 14.01 -3.56
N PHE A 219 -0.96 14.66 -2.44
CA PHE A 219 -0.64 14.15 -1.10
C PHE A 219 -1.92 13.55 -0.50
N ILE A 220 -1.83 12.25 -0.22
CA ILE A 220 -2.99 11.45 0.21
C ILE A 220 -2.82 11.15 1.70
N ALA A 221 -3.75 11.66 2.47
CA ALA A 221 -3.72 11.50 3.94
C ALA A 221 -4.36 10.17 4.32
N LEU A 222 -3.85 9.54 5.39
CA LEU A 222 -4.50 8.38 5.97
C LEU A 222 -5.61 8.85 6.90
N LEU A 223 -6.86 8.63 6.53
CA LEU A 223 -8.01 9.00 7.37
C LEU A 223 -8.30 7.80 8.26
N VAL A 224 -8.12 8.00 9.56
CA VAL A 224 -8.36 6.94 10.55
C VAL A 224 -9.68 7.20 11.27
N GLU A 225 -9.75 8.34 11.93
CA GLU A 225 -10.92 8.73 12.76
CA GLU A 225 -10.92 8.73 12.76
C GLU A 225 -11.78 9.75 12.01
N GLU A 226 -13.06 9.76 12.30
CA GLU A 226 -13.97 10.69 11.62
C GLU A 226 -13.50 12.14 11.85
N LYS A 227 -12.95 12.46 12.99
CA LYS A 227 -12.49 13.85 13.30
CA LYS A 227 -12.48 13.84 13.31
C LYS A 227 -11.31 14.28 12.41
N HIS A 228 -10.66 13.31 11.76
CA HIS A 228 -9.52 13.62 10.88
C HIS A 228 -10.01 14.34 9.63
N LYS A 229 -11.29 14.22 9.28
CA LYS A 229 -11.86 14.89 8.07
C LYS A 229 -11.50 16.36 8.13
N TYR A 230 -11.73 17.00 9.27
CA TYR A 230 -11.52 18.47 9.39
CA TYR A 230 -11.52 18.47 9.39
C TYR A 230 -10.01 18.81 9.38
N ASP A 231 -9.24 17.95 10.03
CA ASP A 231 -7.78 18.13 10.11
C ASP A 231 -7.20 18.07 8.70
N ILE A 232 -7.67 17.10 7.92
CA ILE A 232 -7.19 16.93 6.52
C ILE A 232 -7.50 18.17 5.67
N LEU A 233 -8.69 18.71 5.82
CA LEU A 233 -9.06 19.96 5.14
C LEU A 233 -8.12 21.10 5.58
N GLN A 234 -7.76 21.22 6.85
CA GLN A 234 -6.91 22.33 7.32
C GLN A 234 -5.44 22.14 6.87
N SER A 235 -5.05 20.89 6.64
CA SER A 235 -3.65 20.55 6.35
C SER A 235 -3.20 20.87 4.91
N GLY A 236 -4.11 20.81 3.95
CA GLY A 236 -3.78 20.99 2.54
C GLY A 236 -3.68 19.71 1.73
N PHE A 237 -3.99 18.55 2.29
CA PHE A 237 -3.98 17.31 1.48
C PHE A 237 -4.89 17.38 0.25
N ASP A 238 -4.55 16.53 -0.70
CA ASP A 238 -5.27 16.43 -1.99
C ASP A 238 -6.24 15.24 -2.01
N GLY A 239 -6.17 14.35 -1.04
CA GLY A 239 -7.02 13.17 -1.06
C GLY A 239 -6.84 12.37 0.21
N ILE A 240 -7.55 11.26 0.31
CA ILE A 240 -7.51 10.41 1.53
C ILE A 240 -7.45 8.96 1.07
N TYR A 241 -6.87 8.11 1.91
CA TYR A 241 -6.95 6.66 1.78
C TYR A 241 -7.20 6.08 3.16
N THR A 242 -7.51 4.79 3.20
CA THR A 242 -7.97 4.18 4.48
C THR A 242 -7.08 3.05 4.96
N TYR A 243 -6.26 2.48 4.08
CA TYR A 243 -5.27 1.42 4.32
C TYR A 243 -5.79 0.08 4.88
N PHE A 244 -6.35 0.09 6.09
CA PHE A 244 -6.46 -1.13 6.85
C PHE A 244 -7.38 -2.13 6.13
N ALA A 245 -6.95 -3.39 6.14
CA ALA A 245 -7.66 -4.48 5.45
C ALA A 245 -8.84 -5.02 6.29
N THR A 246 -8.86 -4.72 7.60
CA THR A 246 -9.92 -5.15 8.51
C THR A 246 -11.09 -4.18 8.47
N ASN A 247 -12.25 -4.63 7.98
CA ASN A 247 -13.51 -3.85 7.95
C ASN A 247 -13.94 -3.75 9.43
N GLY A 248 -13.84 -2.57 10.01
CA GLY A 248 -14.20 -2.37 11.42
C GLY A 248 -13.06 -1.91 12.27
N PHE A 249 -11.81 -2.03 11.83
CA PHE A 249 -10.66 -1.64 12.69
C PHE A 249 -10.71 -0.14 12.98
N THR A 250 -10.87 0.68 11.95
CA THR A 250 -10.95 2.13 12.14
C THR A 250 -12.22 2.63 11.49
N TYR A 251 -12.58 3.86 11.82
CA TYR A 251 -13.70 4.52 11.14
C TYR A 251 -13.42 4.49 9.63
N GLY A 252 -12.22 4.87 9.21
CA GLY A 252 -11.95 4.92 7.76
C GLY A 252 -12.02 3.58 7.04
N SER A 253 -11.60 2.52 7.72
CA SER A 253 -11.50 1.16 7.18
C SER A 253 -12.86 0.46 7.13
N SER A 254 -13.92 1.04 7.68
CA SER A 254 -15.21 0.40 7.87
C SER A 254 -16.08 0.68 6.63
N HIS A 255 -16.57 -0.36 6.01
CA HIS A 255 -17.44 -0.19 4.84
C HIS A 255 -18.69 0.65 5.16
N GLN A 256 -19.15 0.67 6.40
CA GLN A 256 -20.29 1.45 6.86
C GLN A 256 -20.07 2.95 6.52
N ASN A 257 -18.80 3.36 6.44
CA ASN A 257 -18.48 4.78 6.33
C ASN A 257 -18.01 5.19 4.91
N TRP A 258 -17.85 4.25 3.98
CA TRP A 258 -17.26 4.61 2.67
C TRP A 258 -18.19 5.54 1.84
N ALA A 259 -19.49 5.37 1.89
CA ALA A 259 -20.39 6.31 1.19
C ALA A 259 -20.19 7.71 1.80
N SER A 260 -20.10 7.84 3.12
CA SER A 260 -19.91 9.14 3.78
C SER A 260 -18.57 9.76 3.34
N LEU A 261 -17.50 8.95 3.32
CA LEU A 261 -16.17 9.47 2.94
C LEU A 261 -16.20 9.91 1.45
N LYS A 262 -16.88 9.18 0.59
CA LYS A 262 -16.97 9.62 -0.82
C LYS A 262 -17.73 10.94 -0.89
N LEU A 263 -18.83 11.08 -0.16
CA LEU A 263 -19.62 12.34 -0.14
C LEU A 263 -18.67 13.47 0.26
N PHE A 264 -17.92 13.24 1.33
CA PHE A 264 -16.97 14.23 1.89
C PHE A 264 -15.95 14.60 0.81
N CYS A 265 -15.38 13.61 0.15
CA CYS A 265 -14.30 13.87 -0.83
C CYS A 265 -14.89 14.64 -2.03
N ASP A 266 -16.08 14.28 -2.45
CA ASP A 266 -16.70 15.01 -3.59
C ASP A 266 -16.99 16.45 -3.20
N LYS A 267 -17.50 16.68 -1.99
CA LYS A 267 -17.86 18.03 -1.55
C LYS A 267 -16.62 18.92 -1.53
N TYR A 268 -15.47 18.38 -1.10
CA TYR A 268 -14.27 19.18 -0.81
C TYR A 268 -13.18 18.96 -1.84
N ASN A 269 -13.53 18.39 -3.02
CA ASN A 269 -12.58 18.26 -4.15
C ASN A 269 -11.34 17.49 -3.70
N LEU A 270 -11.56 16.37 -3.02
CA LEU A 270 -10.50 15.45 -2.57
C LEU A 270 -10.59 14.16 -3.37
N ILE A 271 -9.44 13.55 -3.60
CA ILE A 271 -9.41 12.23 -4.26
C ILE A 271 -9.67 11.16 -3.19
N PHE A 272 -10.74 10.40 -3.34
CA PHE A 272 -11.05 9.26 -2.47
C PHE A 272 -10.39 7.98 -2.95
N ILE A 273 -9.52 7.38 -2.11
CA ILE A 273 -8.83 6.11 -2.46
C ILE A 273 -9.14 5.09 -1.41
N PRO A 274 -10.27 4.38 -1.50
CA PRO A 274 -10.53 3.33 -0.55
C PRO A 274 -9.49 2.21 -0.67
N SER A 275 -9.17 1.59 0.46
CA SER A 275 -8.24 0.45 0.53
C SER A 275 -8.98 -0.82 0.90
N VAL A 276 -8.81 -1.82 0.04
CA VAL A 276 -9.49 -3.12 0.16
C VAL A 276 -8.44 -4.19 0.41
N GLY A 277 -8.73 -5.09 1.32
CA GLY A 277 -7.84 -6.24 1.51
C GLY A 277 -8.58 -7.56 1.40
N PRO A 278 -7.84 -8.65 1.17
CA PRO A 278 -8.43 -9.98 1.08
C PRO A 278 -8.71 -10.70 2.40
N GLY A 279 -8.27 -10.10 3.51
CA GLY A 279 -8.36 -10.72 4.84
C GLY A 279 -7.39 -10.00 5.73
N TYR A 280 -7.33 -10.41 6.99
CA TYR A 280 -6.31 -9.87 7.91
C TYR A 280 -6.02 -10.91 8.99
N ILE A 281 -4.74 -11.12 9.24
CA ILE A 281 -4.36 -11.86 10.46
C ILE A 281 -2.92 -11.54 10.74
N ASP A 282 -2.69 -10.97 11.92
CA ASP A 282 -1.33 -10.54 12.31
C ASP A 282 -0.84 -11.24 13.59
N THR A 283 -1.46 -12.34 14.04
CA THR A 283 -1.24 -12.87 15.37
C THR A 283 0.12 -13.52 15.52
N SER A 284 0.86 -13.72 14.42
CA SER A 284 2.27 -14.15 14.55
C SER A 284 3.12 -13.04 15.15
N ILE A 285 2.71 -11.79 14.96
CA ILE A 285 3.49 -10.63 15.45
C ILE A 285 2.72 -9.86 16.51
N ARG A 286 1.40 -9.92 16.53
CA ARG A 286 0.57 -9.20 17.53
C ARG A 286 -0.39 -10.27 18.09
N PRO A 287 0.07 -11.12 19.01
CA PRO A 287 -0.73 -12.28 19.40
C PRO A 287 -2.10 -11.92 19.96
N TRP A 288 -2.21 -10.73 20.56
CA TRP A 288 -3.42 -10.23 21.25
C TRP A 288 -4.50 -9.82 20.26
N ASN A 289 -4.13 -9.57 19.01
CA ASN A 289 -4.97 -8.80 18.05
C ASN A 289 -5.95 -9.69 17.30
N THR A 290 -6.55 -10.65 17.98
CA THR A 290 -7.52 -11.57 17.36
C THR A 290 -8.78 -10.84 16.92
N GLN A 291 -9.14 -9.72 17.55
CA GLN A 291 -10.43 -9.02 17.23
C GLN A 291 -10.37 -8.54 15.78
N ASN A 292 -9.16 -8.25 15.28
CA ASN A 292 -9.05 -7.67 13.91
C ASN A 292 -8.76 -8.72 12.87
N THR A 293 -8.64 -9.98 13.26
CA THR A 293 -8.60 -11.07 12.27
C THR A 293 -9.87 -11.08 11.42
N ARG A 294 -9.68 -11.23 10.09
CA ARG A 294 -10.82 -11.47 9.16
C ARG A 294 -10.45 -12.67 8.33
N ASN A 295 -11.26 -13.70 8.48
CA ASN A 295 -11.19 -14.92 7.69
C ASN A 295 -11.38 -14.52 6.23
N ARG A 296 -10.65 -15.17 5.36
CA ARG A 296 -10.80 -14.84 3.90
C ARG A 296 -12.10 -15.37 3.28
N ILE A 297 -12.74 -16.30 3.96
CA ILE A 297 -14.00 -16.92 3.47
C ILE A 297 -13.73 -17.45 2.05
N ASN A 298 -12.56 -18.05 1.82
CA ASN A 298 -12.20 -18.69 0.54
C ASN A 298 -12.39 -17.72 -0.64
N GLY A 299 -12.09 -16.45 -0.42
CA GLY A 299 -12.11 -15.35 -1.41
C GLY A 299 -13.29 -14.39 -1.28
N LYS A 300 -14.32 -14.75 -0.53
CA LYS A 300 -15.54 -13.93 -0.49
C LYS A 300 -15.30 -12.62 0.27
N TYR A 301 -14.46 -12.59 1.30
CA TYR A 301 -14.21 -11.34 2.03
C TYR A 301 -13.68 -10.32 1.03
N TYR A 302 -12.72 -10.75 0.23
CA TYR A 302 -12.08 -9.85 -0.75
C TYR A 302 -13.09 -9.36 -1.77
N GLU A 303 -13.91 -10.25 -2.31
CA GLU A 303 -14.91 -9.85 -3.32
C GLU A 303 -15.96 -8.90 -2.70
N ILE A 304 -16.34 -9.09 -1.44
CA ILE A 304 -17.26 -8.16 -0.76
C ILE A 304 -16.61 -6.78 -0.68
N GLY A 305 -15.35 -6.72 -0.35
CA GLY A 305 -14.68 -5.43 -0.14
C GLY A 305 -14.46 -4.75 -1.48
N LEU A 306 -14.17 -5.52 -2.50
CA LEU A 306 -13.99 -4.96 -3.86
C LEU A 306 -15.30 -4.38 -4.37
N SER A 307 -16.41 -5.07 -4.13
CA SER A 307 -17.74 -4.55 -4.51
C SER A 307 -18.00 -3.24 -3.79
N ALA A 308 -17.71 -3.23 -2.49
CA ALA A 308 -17.93 -2.03 -1.63
C ALA A 308 -17.14 -0.84 -2.19
N ALA A 309 -15.88 -1.05 -2.56
CA ALA A 309 -15.07 0.04 -3.12
C ALA A 309 -15.60 0.51 -4.47
N LEU A 310 -15.87 -0.43 -5.37
CA LEU A 310 -16.20 -0.08 -6.78
CA LEU A 310 -16.19 -0.07 -6.77
C LEU A 310 -17.46 0.78 -6.78
N GLN A 311 -18.42 0.48 -5.91
CA GLN A 311 -19.72 1.17 -6.04
C GLN A 311 -19.69 2.60 -5.48
N THR A 312 -18.58 3.01 -4.85
CA THR A 312 -18.37 4.40 -4.50
C THR A 312 -17.99 5.24 -5.71
N ARG A 313 -17.70 4.60 -6.84
CA ARG A 313 -17.23 5.26 -8.09
C ARG A 313 -16.02 6.14 -7.74
N PRO A 314 -14.97 5.53 -7.13
CA PRO A 314 -13.79 6.27 -6.71
C PRO A 314 -12.87 6.56 -7.92
N SER A 315 -12.01 7.55 -7.79
CA SER A 315 -11.02 7.88 -8.83
C SER A 315 -9.90 6.85 -8.88
N LEU A 316 -9.52 6.26 -7.72
CA LEU A 316 -8.50 5.19 -7.64
C LEU A 316 -8.99 4.18 -6.61
N ILE A 317 -8.49 2.95 -6.72
CA ILE A 317 -8.68 1.91 -5.67
C ILE A 317 -7.30 1.42 -5.29
N SER A 318 -7.10 1.25 -3.98
CA SER A 318 -5.86 0.64 -3.46
C SER A 318 -6.14 -0.70 -2.80
N ILE A 319 -5.18 -1.58 -2.99
CA ILE A 319 -5.24 -2.94 -2.41
C ILE A 319 -4.16 -3.08 -1.33
N THR A 320 -4.66 -3.41 -0.14
CA THR A 320 -3.81 -3.77 1.01
C THR A 320 -3.83 -5.27 1.19
N SER A 321 -2.85 -6.01 0.63
CA SER A 321 -1.53 -5.59 0.19
C SER A 321 -1.08 -6.57 -0.90
N PHE A 322 0.04 -6.24 -1.55
CA PHE A 322 0.69 -7.27 -2.34
C PHE A 322 1.36 -8.28 -1.40
N ASN A 323 2.16 -7.78 -0.45
CA ASN A 323 3.04 -8.67 0.33
C ASN A 323 3.31 -8.14 1.76
N GLU A 324 2.28 -7.69 2.47
CA GLU A 324 2.41 -7.48 3.92
C GLU A 324 2.05 -8.85 4.53
N TRP A 325 3.07 -9.72 4.54
CA TRP A 325 2.88 -11.10 5.04
C TRP A 325 2.71 -11.09 6.55
N HIS A 326 3.22 -10.13 7.34
CA HIS A 326 3.08 -10.14 8.82
C HIS A 326 1.61 -10.05 9.14
N GLU A 327 0.90 -9.22 8.39
CA GLU A 327 -0.49 -8.89 8.69
C GLU A 327 -1.49 -9.73 7.92
N GLY A 328 -0.99 -10.64 7.05
CA GLY A 328 -1.86 -11.62 6.43
C GLY A 328 -2.79 -10.95 5.41
N THR A 329 -2.38 -9.83 4.87
CA THR A 329 -3.17 -9.07 3.85
C THR A 329 -2.74 -9.39 2.44
N GLN A 330 -1.71 -10.20 2.30
CA GLN A 330 -1.08 -10.35 0.97
C GLN A 330 -2.03 -11.01 -0.03
N ILE A 331 -1.89 -10.59 -1.29
CA ILE A 331 -2.50 -11.30 -2.45
C ILE A 331 -1.44 -12.10 -3.18
N GLU A 332 -0.18 -11.94 -2.83
CA GLU A 332 0.94 -12.73 -3.36
C GLU A 332 0.67 -14.20 -3.16
N LYS A 333 1.15 -15.02 -4.10
CA LYS A 333 0.99 -16.50 -3.96
C LYS A 333 1.52 -17.01 -2.62
N ALA A 334 0.65 -17.82 -1.99
CA ALA A 334 0.94 -18.54 -0.75
C ALA A 334 0.74 -20.03 -1.03
N VAL A 335 1.45 -20.84 -0.28
CA VAL A 335 1.38 -22.31 -0.43
C VAL A 335 1.12 -22.98 0.90
N PRO A 336 0.53 -24.18 0.89
CA PRO A 336 0.46 -25.00 2.10
C PRO A 336 1.87 -25.29 2.60
N LYS A 337 2.04 -25.27 3.91
CA LYS A 337 3.30 -25.61 4.56
C LYS A 337 2.99 -26.19 5.93
N ARG A 338 3.52 -27.38 6.17
CA ARG A 338 3.59 -28.04 7.49
C ARG A 338 5.05 -28.05 7.93
N THR A 339 5.25 -27.77 9.21
CA THR A 339 6.56 -27.88 9.87
C THR A 339 6.32 -28.53 11.22
N SER A 340 7.38 -28.87 11.93
CA SER A 340 7.25 -29.56 13.23
C SER A 340 6.79 -28.62 14.35
N ASN A 341 6.80 -27.29 14.21
CA ASN A 341 6.59 -26.36 15.36
C ASN A 341 5.66 -25.18 15.03
N THR A 342 5.50 -24.81 13.77
CA THR A 342 4.70 -23.64 13.36
C THR A 342 3.52 -24.10 12.51
N VAL A 343 2.36 -23.47 12.67
CA VAL A 343 1.20 -23.77 11.81
C VAL A 343 1.00 -22.62 10.82
N TYR A 344 0.75 -22.94 9.53
CA TYR A 344 0.44 -21.94 8.47
C TYR A 344 -0.93 -22.18 7.85
N LEU A 345 -1.66 -21.08 7.64
CA LEU A 345 -2.87 -21.00 6.80
C LEU A 345 -2.41 -21.07 5.35
N ASP A 346 -3.35 -21.35 4.45
CA ASP A 346 -3.07 -21.32 3.00
C ASP A 346 -4.39 -21.04 2.27
N TYR A 347 -4.37 -21.13 0.95
CA TYR A 347 -5.54 -20.77 0.11
C TYR A 347 -6.32 -21.99 -0.37
N ARG A 348 -6.00 -23.20 0.11
CA ARG A 348 -6.84 -24.38 -0.21
C ARG A 348 -8.22 -24.06 0.33
N PRO A 349 -9.31 -24.48 -0.36
CA PRO A 349 -9.28 -25.42 -1.49
C PRO A 349 -9.00 -24.80 -2.88
N HIS A 350 -8.62 -23.54 -2.93
CA HIS A 350 -8.20 -22.87 -4.16
C HIS A 350 -6.66 -22.97 -4.34
N LYS A 351 -6.17 -22.35 -5.39
CA LYS A 351 -4.74 -22.41 -5.79
C LYS A 351 -3.98 -21.22 -5.22
N PRO A 352 -2.64 -21.25 -5.24
CA PRO A 352 -1.85 -20.12 -4.73
C PRO A 352 -2.16 -18.79 -5.42
N GLY A 353 -2.56 -18.82 -6.70
CA GLY A 353 -2.84 -17.56 -7.39
C GLY A 353 -4.28 -17.08 -7.26
N LEU A 354 -5.08 -17.62 -6.34
CA LEU A 354 -6.51 -17.23 -6.19
C LEU A 354 -6.64 -15.71 -6.18
N TYR A 355 -5.92 -15.03 -5.30
CA TYR A 355 -6.12 -13.57 -5.06
C TYR A 355 -5.71 -12.77 -6.29
N LEU A 356 -4.71 -13.22 -7.04
CA LEU A 356 -4.35 -12.50 -8.29
C LEU A 356 -5.50 -12.63 -9.29
N GLU A 357 -6.12 -13.81 -9.36
CA GLU A 357 -7.26 -14.11 -10.29
CA GLU A 357 -7.23 -14.05 -10.31
C GLU A 357 -8.45 -13.24 -9.87
N LEU A 358 -8.78 -13.22 -8.58
CA LEU A 358 -9.92 -12.39 -8.14
C LEU A 358 -9.61 -10.92 -8.42
N THR A 359 -8.38 -10.49 -8.17
CA THR A 359 -8.02 -9.09 -8.47
C THR A 359 -8.25 -8.80 -9.96
N ARG A 360 -7.85 -9.70 -10.85
CA ARG A 360 -7.98 -9.48 -12.31
CA ARG A 360 -7.99 -9.50 -12.31
C ARG A 360 -9.48 -9.27 -12.61
N LYS A 361 -10.33 -10.14 -12.10
CA LYS A 361 -11.80 -10.05 -12.39
C LYS A 361 -12.30 -8.64 -12.01
N TRP A 362 -11.99 -8.20 -10.79
CA TRP A 362 -12.53 -6.92 -10.26
C TRP A 362 -11.79 -5.74 -10.89
N SER A 363 -10.54 -5.93 -11.30
CA SER A 363 -9.80 -4.88 -12.01
C SER A 363 -10.50 -4.58 -13.33
N GLU A 364 -10.85 -5.62 -14.08
CA GLU A 364 -11.55 -5.48 -15.41
C GLU A 364 -12.94 -4.83 -15.21
N LYS A 365 -13.65 -5.17 -14.13
CA LYS A 365 -14.99 -4.58 -13.85
C LYS A 365 -14.75 -3.09 -13.56
N TYR A 366 -13.73 -2.78 -12.77
CA TYR A 366 -13.49 -1.36 -12.40
C TYR A 366 -13.11 -0.56 -13.62
N SER A 367 -12.29 -1.13 -14.48
CA SER A 367 -11.86 -0.42 -15.70
CA SER A 367 -11.87 -0.41 -15.70
C SER A 367 -13.08 -0.09 -16.56
N LYS A 368 -13.96 -1.05 -16.69
CA LYS A 368 -15.17 -0.88 -17.52
CA LYS A 368 -15.18 -0.89 -17.51
C LYS A 368 -16.06 0.20 -16.88
N GLU A 369 -16.29 0.12 -15.59
CA GLU A 369 -17.26 1.06 -14.94
CA GLU A 369 -17.25 1.05 -14.93
C GLU A 369 -16.65 2.46 -14.88
N ARG A 370 -15.36 2.57 -14.55
CA ARG A 370 -14.71 3.89 -14.36
C ARG A 370 -14.76 4.67 -15.69
N ALA A 371 -14.66 3.98 -16.84
CA ALA A 371 -14.68 4.64 -18.15
C ALA A 371 -16.03 5.34 -18.38
N THR A 372 -17.08 4.99 -17.63
CA THR A 372 -18.42 5.60 -17.75
C THR A 372 -18.60 6.80 -16.81
N TYR A 373 -17.71 7.07 -15.82
CA TYR A 373 -17.98 8.10 -14.78
C TYR A 373 -18.01 9.49 -15.40
C1 BTB B . 0.68 -1.07 9.75
O1 BTB B . 0.44 -1.94 10.84
C2 BTB B . 2.08 -1.36 9.17
C3 BTB B . 1.95 -2.63 8.33
O3 BTB B . 3.09 -2.73 7.56
C4 BTB B . 3.15 -1.75 10.21
O4 BTB B . 3.21 -0.80 11.27
N BTB B . 2.59 -0.25 8.33
C5 BTB B . 1.56 0.19 7.33
C6 BTB B . 2.14 0.98 6.23
O6 BTB B . 2.97 0.24 5.42
C7 BTB B . 3.04 0.94 9.11
C8 BTB B . 4.55 0.96 9.15
O8 BTB B . 5.17 0.22 8.17
#